data_6A4D
#
_entry.id   6A4D
#
_cell.length_a   59.532
_cell.length_b   59.532
_cell.length_c   236.269
_cell.angle_alpha   90.00
_cell.angle_beta   90.00
_cell.angle_gamma   120.00
#
_symmetry.space_group_name_H-M   'P 32 2 1'
#
loop_
_entity.id
_entity.type
_entity.pdbx_description
1 polymer Oligoribonuclease
2 non-polymer "5'-O-[(S)-hydroxy(4-nitrophenoxy)phosphoryl]thymidine"
3 water water
#
_entity_poly.entity_id   1
_entity_poly.type   'polypeptide(L)'
_entity_poly.pdbx_seq_one_letter_code
;GSHMAGNDSNLIWLDLEMTGLEPVEDVILEIAIIITDSELNILAQGPIFAISQTDDVLDNMNPWCIEHHGKSGLTQRCRD
SEVSLAHATKESLAFVQEWVPQGKSPMCGNSIGQDRRFINKYMPDFEDHFHYRNLDVSTIKELAKRWKPEVLESVVKTGA
HLALDAIKESIAELKVYRELFFKL
;
_entity_poly.pdbx_strand_id   A,B
#
# COMPACT_ATOMS: atom_id res chain seq x y z
N GLY A 1 8.37 4.31 -29.26
CA GLY A 1 8.78 5.48 -28.44
C GLY A 1 9.79 5.18 -27.33
N SER A 2 10.89 4.49 -27.67
CA SER A 2 12.05 4.22 -26.75
C SER A 2 12.82 5.50 -26.37
N HIS A 3 12.52 6.61 -27.05
CA HIS A 3 12.88 7.98 -26.63
C HIS A 3 12.94 8.22 -25.11
N MET A 4 11.88 7.83 -24.41
CA MET A 4 11.71 8.12 -22.97
C MET A 4 12.31 7.03 -22.07
N ALA A 5 12.75 5.91 -22.67
CA ALA A 5 13.39 4.80 -21.94
C ALA A 5 14.51 5.30 -21.06
N GLY A 6 14.50 4.85 -19.82
CA GLY A 6 15.55 5.17 -18.89
C GLY A 6 15.30 6.40 -18.06
N ASN A 7 14.20 7.11 -18.31
CA ASN A 7 13.92 8.37 -17.59
C ASN A 7 13.53 8.12 -16.13
N ASP A 8 14.17 8.79 -15.22
CA ASP A 8 14.00 8.57 -13.82
C ASP A 8 12.57 8.78 -13.27
N SER A 9 11.67 9.38 -14.03
CA SER A 9 10.40 9.72 -13.54
C SER A 9 9.35 8.77 -14.14
N ASN A 10 9.78 7.78 -14.92
CA ASN A 10 8.86 6.78 -15.41
C ASN A 10 8.16 5.93 -14.28
N LEU A 11 6.92 5.58 -14.51
CA LEU A 11 6.17 4.79 -13.58
C LEU A 11 5.97 3.35 -14.08
N ILE A 12 6.15 2.39 -13.17
CA ILE A 12 5.81 0.94 -13.40
C ILE A 12 4.44 0.56 -12.82
N TRP A 13 3.52 0.26 -13.73
CA TRP A 13 2.19 -0.17 -13.40
C TRP A 13 2.07 -1.68 -13.52
N LEU A 14 1.43 -2.33 -12.56
CA LEU A 14 1.15 -3.73 -12.75
C LEU A 14 -0.13 -4.21 -12.17
N ASP A 15 -0.52 -5.38 -12.63
CA ASP A 15 -1.66 -6.03 -12.04
C ASP A 15 -1.39 -7.52 -12.06
N LEU A 16 -1.92 -8.20 -11.03
CA LEU A 16 -1.74 -9.63 -10.82
C LEU A 16 -3.09 -10.28 -10.63
N GLU A 17 -3.20 -11.54 -11.03
CA GLU A 17 -4.30 -12.39 -10.58
C GLU A 17 -3.66 -13.46 -9.72
N MET A 18 -4.40 -13.87 -8.69
CA MET A 18 -3.94 -14.88 -7.76
C MET A 18 -5.08 -15.92 -7.54
N THR A 19 -4.82 -16.90 -6.67
CA THR A 19 -5.80 -17.96 -6.36
C THR A 19 -6.58 -17.61 -5.15
N GLY A 20 -6.30 -16.46 -4.57
CA GLY A 20 -7.05 -15.96 -3.44
C GLY A 20 -6.39 -14.75 -2.89
N LEU A 21 -6.86 -14.35 -1.71
CA LEU A 21 -6.43 -13.15 -1.01
C LEU A 21 -5.24 -13.29 -0.07
N GLU A 22 -4.84 -14.50 0.25
CA GLU A 22 -3.88 -14.75 1.32
C GLU A 22 -2.56 -15.31 0.77
N PRO A 23 -1.48 -14.50 0.79
CA PRO A 23 -0.26 -15.00 0.17
C PRO A 23 0.33 -16.22 0.87
N VAL A 24 0.03 -16.37 2.16
CA VAL A 24 0.47 -17.53 2.95
C VAL A 24 0.13 -18.83 2.21
N GLU A 25 -1.10 -18.94 1.70
CA GLU A 25 -1.59 -20.15 0.98
C GLU A 25 -1.68 -20.00 -0.52
N ASP A 26 -1.99 -18.78 -1.00
CA ASP A 26 -2.24 -18.53 -2.44
C ASP A 26 -1.03 -18.14 -3.25
N VAL A 27 -1.14 -18.37 -4.55
CA VAL A 27 -0.06 -18.27 -5.52
C VAL A 27 -0.53 -17.40 -6.68
N ILE A 28 0.42 -16.99 -7.50
CA ILE A 28 0.15 -16.05 -8.58
C ILE A 28 -0.25 -16.78 -9.85
N LEU A 29 -1.35 -16.31 -10.46
CA LEU A 29 -1.80 -16.87 -11.76
C LEU A 29 -1.43 -16.08 -13.00
N GLU A 30 -1.27 -14.77 -12.87
CA GLU A 30 -1.03 -13.91 -14.02
C GLU A 30 -0.31 -12.66 -13.59
N ILE A 31 0.53 -12.14 -14.49
CA ILE A 31 1.16 -10.85 -14.31
C ILE A 31 1.14 -10.05 -15.63
N ALA A 32 0.81 -8.78 -15.53
CA ALA A 32 0.90 -7.81 -16.67
C ALA A 32 1.58 -6.53 -16.16
N ILE A 33 2.39 -5.91 -17.00
CA ILE A 33 3.13 -4.69 -16.62
C ILE A 33 2.96 -3.63 -17.74
N ILE A 34 2.69 -2.39 -17.35
CA ILE A 34 2.74 -1.25 -18.29
C ILE A 34 3.65 -0.19 -17.72
N ILE A 35 4.46 0.39 -18.57
CA ILE A 35 5.29 1.52 -18.24
C ILE A 35 4.66 2.78 -18.81
N THR A 36 4.54 3.83 -18.01
CA THR A 36 4.05 5.17 -18.47
C THR A 36 5.10 6.14 -18.13
N ASP A 37 5.06 7.33 -18.73
CA ASP A 37 5.92 8.42 -18.23
C ASP A 37 5.23 9.04 -17.02
N SER A 38 5.88 10.04 -16.45
CA SER A 38 5.32 10.69 -15.26
C SER A 38 4.00 11.43 -15.55
N GLU A 39 3.72 11.70 -16.84
CA GLU A 39 2.49 12.39 -17.24
C GLU A 39 1.45 11.40 -17.73
N LEU A 40 1.65 10.12 -17.45
CA LEU A 40 0.72 9.00 -17.68
C LEU A 40 0.53 8.54 -19.12
N ASN A 41 1.43 8.94 -19.99
CA ASN A 41 1.43 8.44 -21.38
C ASN A 41 2.05 7.08 -21.39
N ILE A 42 1.36 6.13 -21.99
CA ILE A 42 1.82 4.75 -22.02
C ILE A 42 3.06 4.64 -22.90
N LEU A 43 4.22 4.31 -22.35
CA LEU A 43 5.45 4.14 -23.13
C LEU A 43 5.69 2.71 -23.70
N ALA A 44 5.18 1.68 -23.03
CA ALA A 44 5.50 0.28 -23.36
C ALA A 44 4.65 -0.67 -22.54
N GLN A 45 4.14 -1.70 -23.20
CA GLN A 45 3.25 -2.71 -22.64
C GLN A 45 4.09 -3.95 -22.49
N GLY A 46 3.99 -4.64 -21.37
CA GLY A 46 4.95 -5.72 -21.07
C GLY A 46 4.45 -7.06 -21.54
N PRO A 47 5.35 -8.05 -21.63
CA PRO A 47 4.83 -9.41 -21.94
C PRO A 47 3.86 -9.88 -20.86
N ILE A 48 2.68 -10.33 -21.26
CA ILE A 48 1.67 -10.87 -20.35
C ILE A 48 1.97 -12.37 -20.07
N PHE A 49 1.97 -12.81 -18.81
CA PHE A 49 2.13 -14.25 -18.51
C PHE A 49 1.01 -14.84 -17.71
N ALA A 50 0.36 -15.87 -18.24
CA ALA A 50 -0.38 -16.78 -17.35
C ALA A 50 0.65 -17.80 -16.85
N ILE A 51 0.70 -17.93 -15.52
CA ILE A 51 1.67 -18.79 -14.86
C ILE A 51 1.12 -20.20 -14.79
N SER A 52 1.95 -21.15 -15.21
CA SER A 52 1.60 -22.56 -15.16
C SER A 52 1.33 -22.98 -13.73
N GLN A 53 0.21 -23.65 -13.57
CA GLN A 53 -0.14 -24.28 -12.35
C GLN A 53 -0.77 -25.62 -12.73
N THR A 54 -0.57 -26.61 -11.89
CA THR A 54 -1.19 -27.93 -12.12
C THR A 54 -2.71 -27.84 -11.98
N ASP A 55 -3.39 -28.95 -12.27
CA ASP A 55 -4.81 -29.11 -11.95
C ASP A 55 -5.09 -29.16 -10.45
N ASP A 56 -4.20 -29.74 -9.66
CA ASP A 56 -4.41 -29.68 -8.22
C ASP A 56 -4.71 -28.24 -7.84
N VAL A 57 -3.84 -27.33 -8.31
CA VAL A 57 -3.93 -25.96 -7.89
C VAL A 57 -5.23 -25.33 -8.40
N LEU A 58 -5.47 -25.44 -9.69
CA LEU A 58 -6.53 -24.67 -10.31
C LEU A 58 -7.90 -25.07 -9.76
N ASP A 59 -8.09 -26.37 -9.60
CA ASP A 59 -9.37 -26.93 -9.17
C ASP A 59 -9.72 -26.72 -7.68
N ASN A 60 -8.76 -26.32 -6.83
CA ASN A 60 -9.00 -26.11 -5.40
C ASN A 60 -8.75 -24.69 -4.85
N MET A 61 -8.61 -23.69 -5.73
CA MET A 61 -8.66 -22.25 -5.32
C MET A 61 -10.07 -21.84 -4.83
N ASN A 62 -10.24 -20.71 -4.15
CA ASN A 62 -11.56 -20.37 -3.57
C ASN A 62 -12.71 -20.25 -4.62
N PRO A 63 -14.00 -20.21 -4.16
CA PRO A 63 -15.10 -20.29 -5.18
C PRO A 63 -15.23 -19.05 -6.09
N TRP A 64 -14.99 -17.86 -5.51
CA TRP A 64 -14.84 -16.63 -6.30
C TRP A 64 -13.90 -16.89 -7.47
N CYS A 65 -12.73 -17.49 -7.15
CA CYS A 65 -11.71 -17.67 -8.15
C CYS A 65 -12.09 -18.66 -9.23
N ILE A 66 -12.66 -19.82 -8.87
CA ILE A 66 -13.03 -20.79 -9.94
C ILE A 66 -14.12 -20.13 -10.77
N GLU A 67 -15.01 -19.40 -10.09
CA GLU A 67 -16.04 -18.63 -10.77
C GLU A 67 -15.39 -17.63 -11.76
N HIS A 68 -14.78 -16.53 -11.28
CA HIS A 68 -14.26 -15.47 -12.18
C HIS A 68 -13.09 -15.83 -13.10
N HIS A 69 -12.14 -16.64 -12.63
CA HIS A 69 -11.05 -17.06 -13.51
C HIS A 69 -11.48 -18.14 -14.44
N GLY A 70 -12.40 -18.99 -13.96
CA GLY A 70 -13.15 -19.88 -14.86
C GLY A 70 -13.82 -19.00 -15.90
N LYS A 71 -14.73 -18.14 -15.44
CA LYS A 71 -15.43 -17.16 -16.30
C LYS A 71 -14.52 -16.63 -17.40
N SER A 72 -13.33 -16.12 -17.05
CA SER A 72 -12.49 -15.41 -18.04
C SER A 72 -11.54 -16.26 -18.88
N GLY A 73 -11.45 -17.55 -18.60
CA GLY A 73 -10.50 -18.45 -19.29
C GLY A 73 -9.04 -18.12 -18.96
N LEU A 74 -8.82 -17.56 -17.76
CA LEU A 74 -7.47 -17.45 -17.19
C LEU A 74 -7.08 -18.86 -16.76
N THR A 75 -7.97 -19.48 -15.98
CA THR A 75 -7.86 -20.88 -15.62
C THR A 75 -7.41 -21.76 -16.76
N GLN A 76 -7.95 -21.52 -17.94
CA GLN A 76 -7.61 -22.33 -19.11
C GLN A 76 -6.22 -21.99 -19.60
N ARG A 77 -5.94 -20.68 -19.72
CA ARG A 77 -4.59 -20.25 -20.09
C ARG A 77 -3.50 -20.76 -19.12
N CYS A 78 -3.87 -20.96 -17.86
CA CYS A 78 -2.94 -21.44 -16.86
C CYS A 78 -2.66 -22.95 -17.09
N ARG A 79 -3.71 -23.74 -17.34
CA ARG A 79 -3.57 -25.15 -17.83
C ARG A 79 -2.74 -25.31 -19.11
N ASP A 80 -2.90 -24.39 -20.07
CA ASP A 80 -2.09 -24.41 -21.32
C ASP A 80 -0.64 -24.02 -21.09
N SER A 81 -0.41 -23.16 -20.10
CA SER A 81 0.93 -22.62 -19.87
C SER A 81 1.94 -23.68 -19.38
N GLU A 82 3.16 -23.56 -19.90
CA GLU A 82 4.35 -24.13 -19.32
C GLU A 82 5.25 -23.06 -18.68
N VAL A 83 4.72 -21.85 -18.49
CA VAL A 83 5.54 -20.71 -18.04
C VAL A 83 5.72 -20.83 -16.54
N SER A 84 6.94 -21.00 -16.09
CA SER A 84 7.24 -20.98 -14.69
C SER A 84 7.32 -19.55 -14.20
N LEU A 85 7.08 -19.40 -12.89
CA LEU A 85 7.17 -18.13 -12.20
C LEU A 85 8.57 -17.55 -12.28
N ALA A 86 9.60 -18.42 -12.10
CA ALA A 86 10.99 -18.04 -12.30
C ALA A 86 11.14 -17.36 -13.65
N HIS A 87 10.55 -17.93 -14.69
CA HIS A 87 10.70 -17.40 -16.01
C HIS A 87 10.07 -16.01 -16.09
N ALA A 88 8.83 -15.90 -15.64
CA ALA A 88 8.07 -14.64 -15.65
C ALA A 88 8.83 -13.55 -14.92
N THR A 89 9.36 -13.91 -13.79
CA THR A 89 10.15 -13.00 -12.95
C THR A 89 11.37 -12.47 -13.67
N LYS A 90 12.05 -13.36 -14.39
CA LYS A 90 13.23 -13.02 -15.16
C LYS A 90 12.89 -12.09 -16.33
N GLU A 91 11.93 -12.49 -17.14
CA GLU A 91 11.40 -11.64 -18.21
C GLU A 91 10.95 -10.27 -17.70
N SER A 92 10.10 -10.27 -16.66
CA SER A 92 9.54 -9.01 -16.08
C SER A 92 10.62 -8.05 -15.57
N LEU A 93 11.62 -8.60 -14.88
CA LEU A 93 12.72 -7.80 -14.39
C LEU A 93 13.52 -7.16 -15.52
N ALA A 94 13.84 -7.95 -16.54
CA ALA A 94 14.56 -7.46 -17.73
C ALA A 94 13.77 -6.35 -18.42
N PHE A 95 12.47 -6.53 -18.55
CA PHE A 95 11.60 -5.50 -19.12
C PHE A 95 11.62 -4.17 -18.36
N VAL A 96 11.47 -4.20 -17.03
CA VAL A 96 11.41 -2.96 -16.32
C VAL A 96 12.80 -2.32 -16.26
N GLN A 97 13.85 -3.14 -16.31
CA GLN A 97 15.22 -2.58 -16.24
C GLN A 97 15.56 -1.78 -17.49
N GLU A 98 14.95 -2.18 -18.59
CA GLU A 98 15.02 -1.48 -19.83
C GLU A 98 14.39 -0.10 -19.75
N TRP A 99 13.28 0.06 -19.01
CA TRP A 99 12.51 1.31 -19.05
C TRP A 99 12.74 2.26 -17.92
N VAL A 100 13.18 1.76 -16.73
CA VAL A 100 13.38 2.68 -15.61
C VAL A 100 14.49 2.28 -14.68
N PRO A 101 15.26 3.25 -14.20
CA PRO A 101 16.34 2.90 -13.25
C PRO A 101 15.83 2.29 -11.94
N GLN A 102 16.68 1.47 -11.32
CA GLN A 102 16.42 0.76 -10.12
C GLN A 102 16.09 1.75 -9.00
N GLY A 103 15.17 1.40 -8.11
CA GLY A 103 14.88 2.21 -6.95
C GLY A 103 14.10 3.49 -7.17
N LYS A 104 13.63 3.74 -8.38
CA LYS A 104 12.97 5.01 -8.73
C LYS A 104 11.44 4.98 -8.73
N SER A 105 10.87 4.00 -9.43
CA SER A 105 9.44 3.92 -9.57
C SER A 105 8.80 3.25 -8.34
N PRO A 106 7.81 3.91 -7.72
CA PRO A 106 6.93 3.10 -6.90
C PRO A 106 6.19 2.07 -7.76
N MET A 107 5.62 1.07 -7.11
CA MET A 107 4.68 0.16 -7.70
C MET A 107 3.33 0.81 -7.78
N CYS A 108 2.71 0.82 -8.96
CA CYS A 108 1.52 1.61 -9.30
C CYS A 108 0.32 0.81 -9.68
N GLY A 109 -0.82 1.24 -9.17
CA GLY A 109 -2.13 0.59 -9.42
C GLY A 109 -3.15 0.74 -8.35
N ASN A 110 -4.25 0.03 -8.49
CA ASN A 110 -5.31 0.17 -7.49
C ASN A 110 -5.03 -0.89 -6.41
N SER A 111 -5.09 -0.52 -5.14
CA SER A 111 -4.81 -1.44 -4.01
C SER A 111 -3.57 -2.28 -4.32
N ILE A 112 -2.56 -1.56 -4.78
CA ILE A 112 -1.34 -2.16 -5.27
C ILE A 112 -0.50 -2.86 -4.15
N GLY A 113 -0.64 -2.40 -2.92
CA GLY A 113 -0.04 -3.01 -1.71
C GLY A 113 -0.39 -4.49 -1.66
N GLN A 114 -1.63 -4.82 -2.03
CA GLN A 114 -2.02 -6.20 -1.98
C GLN A 114 -1.21 -7.01 -2.93
N ASP A 115 -1.03 -6.51 -4.16
CA ASP A 115 -0.19 -7.24 -5.14
C ASP A 115 1.26 -7.34 -4.65
N ARG A 116 1.76 -6.31 -3.95
CA ARG A 116 3.15 -6.26 -3.56
C ARG A 116 3.47 -7.33 -2.53
N ARG A 117 2.45 -7.72 -1.77
CA ARG A 117 2.56 -8.89 -0.89
C ARG A 117 2.94 -10.20 -1.60
N PHE A 118 2.29 -10.48 -2.72
CA PHE A 118 2.58 -11.68 -3.45
C PHE A 118 3.92 -11.46 -4.18
N ILE A 119 4.16 -10.23 -4.70
CA ILE A 119 5.40 -9.97 -5.43
C ILE A 119 6.57 -10.19 -4.47
N ASN A 120 6.43 -9.65 -3.27
CA ASN A 120 7.45 -9.76 -2.26
C ASN A 120 7.71 -11.22 -1.89
N LYS A 121 6.70 -12.01 -1.55
CA LYS A 121 6.92 -13.48 -1.30
C LYS A 121 7.52 -14.27 -2.45
N TYR A 122 6.91 -14.18 -3.62
CA TYR A 122 7.18 -15.09 -4.72
C TYR A 122 8.09 -14.59 -5.83
N MET A 123 8.32 -13.29 -5.89
CA MET A 123 9.18 -12.67 -6.94
C MET A 123 10.06 -11.58 -6.32
N PRO A 124 10.76 -11.91 -5.22
CA PRO A 124 11.51 -10.82 -4.56
C PRO A 124 12.56 -10.05 -5.48
N ASP A 125 13.13 -10.74 -6.48
CA ASP A 125 14.09 -10.10 -7.42
C ASP A 125 13.42 -9.03 -8.23
N PHE A 126 12.20 -9.31 -8.66
CA PHE A 126 11.42 -8.27 -9.35
C PHE A 126 11.07 -7.13 -8.37
N GLU A 127 10.71 -7.45 -7.13
CA GLU A 127 10.36 -6.40 -6.16
C GLU A 127 11.51 -5.41 -5.94
N ASP A 128 12.74 -5.91 -6.06
CA ASP A 128 13.91 -5.07 -5.76
C ASP A 128 14.12 -3.97 -6.79
N HIS A 129 13.52 -4.09 -7.96
CA HIS A 129 13.65 -3.04 -8.94
C HIS A 129 12.85 -1.73 -8.57
N PHE A 130 11.88 -1.86 -7.68
CA PHE A 130 10.99 -0.80 -7.36
C PHE A 130 11.53 -0.02 -6.20
N HIS A 131 11.23 1.26 -6.19
CA HIS A 131 11.22 2.03 -4.95
C HIS A 131 10.33 1.37 -3.91
N TYR A 132 10.59 1.64 -2.64
CA TYR A 132 9.80 1.03 -1.59
C TYR A 132 8.32 1.54 -1.49
N ARG A 133 8.02 2.73 -2.01
CA ARG A 133 6.67 3.29 -1.99
C ARG A 133 5.68 2.67 -3.01
N ASN A 134 4.40 2.84 -2.73
CA ASN A 134 3.37 2.46 -3.67
C ASN A 134 2.73 3.74 -4.17
N LEU A 135 2.25 3.68 -5.39
CA LEU A 135 1.39 4.68 -5.94
C LEU A 135 0.01 4.01 -6.14
N ASP A 136 -0.83 4.24 -5.17
CA ASP A 136 -2.07 3.52 -5.02
C ASP A 136 -3.23 4.44 -5.42
N VAL A 137 -3.87 4.16 -6.56
CA VAL A 137 -4.86 4.97 -7.16
C VAL A 137 -6.16 4.94 -6.27
N SER A 138 -6.32 3.84 -5.53
CA SER A 138 -7.44 3.70 -4.61
C SER A 138 -7.31 4.57 -3.38
N THR A 139 -6.11 5.01 -3.04
CA THR A 139 -5.96 6.08 -2.04
C THR A 139 -6.67 7.30 -2.52
N ILE A 140 -6.54 7.59 -3.81
CA ILE A 140 -7.07 8.85 -4.37
C ILE A 140 -8.56 8.64 -4.50
N LYS A 141 -8.95 7.43 -4.85
CA LYS A 141 -10.38 7.09 -4.78
C LYS A 141 -11.04 7.31 -3.42
N GLU A 142 -10.37 6.91 -2.35
CA GLU A 142 -10.90 7.16 -1.03
C GLU A 142 -10.93 8.66 -0.68
N LEU A 143 -9.95 9.47 -1.11
CA LEU A 143 -10.03 10.90 -0.93
C LEU A 143 -11.17 11.49 -1.74
N ALA A 144 -11.36 11.00 -2.97
CA ALA A 144 -12.42 11.57 -3.82
C ALA A 144 -13.81 11.29 -3.22
N LYS A 145 -14.02 10.02 -2.76
CA LYS A 145 -15.24 9.67 -2.00
C LYS A 145 -15.66 10.70 -0.96
N ARG A 146 -14.70 11.20 -0.24
CA ARG A 146 -14.95 12.08 0.88
C ARG A 146 -14.87 13.53 0.55
N TRP A 147 -14.04 13.92 -0.40
CA TRP A 147 -13.83 15.31 -0.62
C TRP A 147 -14.51 15.75 -1.91
N LYS A 148 -14.71 14.90 -2.90
CA LYS A 148 -15.31 15.42 -4.14
C LYS A 148 -15.93 14.29 -4.92
N PRO A 149 -16.97 13.69 -4.33
CA PRO A 149 -17.48 12.46 -4.83
C PRO A 149 -17.94 12.52 -6.27
N GLU A 150 -18.32 13.67 -6.72
CA GLU A 150 -18.75 13.79 -8.10
C GLU A 150 -17.75 13.48 -9.18
N VAL A 151 -16.45 13.62 -8.87
CA VAL A 151 -15.43 13.18 -9.80
C VAL A 151 -15.63 11.70 -10.15
N LEU A 152 -16.17 10.88 -9.27
CA LEU A 152 -16.25 9.45 -9.50
C LEU A 152 -17.16 9.06 -10.66
N GLU A 153 -18.04 9.98 -11.06
CA GLU A 153 -18.91 9.75 -12.23
C GLU A 153 -18.13 9.68 -13.49
N SER A 154 -17.03 10.41 -13.52
CA SER A 154 -16.15 10.40 -14.67
C SER A 154 -15.22 9.24 -14.73
N VAL A 155 -15.01 8.56 -13.62
CA VAL A 155 -14.19 7.30 -13.61
C VAL A 155 -15.00 6.21 -14.26
N VAL A 156 -14.37 5.48 -15.18
CA VAL A 156 -14.94 4.36 -15.93
C VAL A 156 -14.54 3.02 -15.32
N LYS A 157 -15.54 2.23 -14.97
CA LYS A 157 -15.31 0.96 -14.28
C LYS A 157 -15.09 -0.24 -15.19
N THR A 158 -16.10 -0.74 -15.88
CA THR A 158 -15.93 -1.84 -16.90
C THR A 158 -15.35 -3.21 -16.40
N GLY A 159 -15.09 -4.15 -17.32
CA GLY A 159 -14.86 -5.57 -16.95
C GLY A 159 -13.41 -6.00 -16.72
N ALA A 160 -13.22 -7.04 -15.89
CA ALA A 160 -11.87 -7.55 -15.60
C ALA A 160 -11.26 -8.23 -16.85
N HIS A 161 -11.47 -9.54 -17.00
CA HIS A 161 -10.83 -10.35 -18.06
C HIS A 161 -9.29 -10.21 -18.06
N LEU A 162 -8.79 -9.21 -18.75
CA LEU A 162 -7.37 -9.09 -19.00
C LEU A 162 -6.76 -8.44 -17.76
N ALA A 163 -5.57 -8.90 -17.37
CA ALA A 163 -4.75 -8.16 -16.43
C ALA A 163 -4.30 -6.85 -17.09
N LEU A 164 -4.02 -6.86 -18.41
CA LEU A 164 -3.62 -5.63 -19.11
C LEU A 164 -4.68 -4.56 -19.06
N ASP A 165 -5.94 -4.98 -19.12
CA ASP A 165 -7.06 -4.05 -19.15
C ASP A 165 -7.42 -3.59 -17.76
N ALA A 166 -7.19 -4.41 -16.74
CA ALA A 166 -7.28 -3.89 -15.39
C ALA A 166 -6.26 -2.71 -15.19
N ILE A 167 -5.03 -2.84 -15.69
CA ILE A 167 -3.98 -1.83 -15.56
C ILE A 167 -4.34 -0.57 -16.31
N LYS A 168 -4.85 -0.71 -17.54
CA LYS A 168 -5.20 0.45 -18.36
C LYS A 168 -6.33 1.17 -17.72
N GLU A 169 -7.23 0.42 -17.13
CA GLU A 169 -8.24 0.97 -16.26
C GLU A 169 -7.79 1.86 -15.04
N SER A 170 -6.76 1.44 -14.34
CA SER A 170 -6.20 2.18 -13.22
C SER A 170 -5.58 3.49 -13.72
N ILE A 171 -4.83 3.38 -14.81
CA ILE A 171 -4.14 4.54 -15.45
C ILE A 171 -5.18 5.54 -15.83
N ALA A 172 -6.24 5.03 -16.45
CA ALA A 172 -7.30 5.91 -16.89
C ALA A 172 -7.96 6.54 -15.70
N GLU A 173 -8.17 5.81 -14.61
CA GLU A 173 -8.78 6.38 -13.43
C GLU A 173 -7.95 7.57 -12.87
N LEU A 174 -6.64 7.42 -12.86
CA LEU A 174 -5.73 8.42 -12.34
C LEU A 174 -5.67 9.65 -13.24
N LYS A 175 -5.85 9.43 -14.53
CA LYS A 175 -5.91 10.50 -15.54
C LYS A 175 -7.13 11.37 -15.30
N VAL A 176 -8.22 10.71 -15.00
CA VAL A 176 -9.40 11.40 -14.59
C VAL A 176 -9.13 12.26 -13.37
N TYR A 177 -8.55 11.66 -12.32
CA TYR A 177 -8.25 12.50 -11.10
C TYR A 177 -7.29 13.63 -11.41
N ARG A 178 -6.28 13.33 -12.19
CA ARG A 178 -5.37 14.38 -12.61
C ARG A 178 -6.09 15.63 -13.16
N GLU A 179 -7.07 15.40 -14.02
CA GLU A 179 -7.86 16.47 -14.64
C GLU A 179 -8.89 17.11 -13.71
N LEU A 180 -9.64 16.32 -12.91
CA LEU A 180 -10.73 16.86 -12.12
C LEU A 180 -10.47 17.13 -10.65
N PHE A 181 -9.40 16.59 -10.10
CA PHE A 181 -9.27 16.58 -8.63
C PHE A 181 -7.99 17.11 -8.14
N PHE A 182 -6.98 17.21 -8.99
CA PHE A 182 -5.74 17.80 -8.62
C PHE A 182 -5.63 19.16 -9.25
N LYS A 183 -4.92 20.06 -8.58
CA LYS A 183 -4.82 21.44 -9.02
C LYS A 183 -3.79 21.52 -10.15
N LEU A 184 -2.55 21.16 -9.86
CA LEU A 184 -1.48 21.13 -10.89
C LEU A 184 -1.81 21.78 -12.24
N HIS B 3 -20.97 11.78 21.55
CA HIS B 3 -20.22 12.53 20.45
C HIS B 3 -20.73 12.21 19.01
N MET B 4 -20.57 13.12 18.03
CA MET B 4 -20.58 12.69 16.58
C MET B 4 -19.28 11.94 16.12
N ALA B 5 -19.10 10.80 16.81
CA ALA B 5 -18.20 9.70 16.60
C ALA B 5 -19.11 8.62 16.09
N GLY B 6 -18.55 7.61 15.43
CA GLY B 6 -19.37 6.73 14.61
C GLY B 6 -19.79 7.31 13.26
N ASN B 7 -19.38 8.56 12.91
CA ASN B 7 -19.64 9.08 11.54
C ASN B 7 -19.05 8.09 10.47
N ASP B 8 -19.81 7.75 9.43
CA ASP B 8 -19.34 6.80 8.40
C ASP B 8 -18.04 7.14 7.65
N SER B 9 -17.63 8.41 7.64
CA SER B 9 -16.58 8.85 6.79
C SER B 9 -15.35 9.17 7.56
N ASN B 10 -15.41 8.99 8.87
CA ASN B 10 -14.23 9.14 9.79
C ASN B 10 -13.00 8.30 9.40
N LEU B 11 -11.79 8.76 9.79
CA LEU B 11 -10.55 8.08 9.33
C LEU B 11 -9.63 7.64 10.45
N ILE B 12 -9.10 6.42 10.34
CA ILE B 12 -8.09 5.88 11.29
C ILE B 12 -6.71 5.94 10.70
N TRP B 13 -5.88 6.70 11.40
CA TRP B 13 -4.54 6.88 11.10
C TRP B 13 -3.72 6.14 12.13
N LEU B 14 -2.65 5.53 11.67
CA LEU B 14 -1.70 4.94 12.59
C LEU B 14 -0.29 4.86 12.09
N ASP B 15 0.59 4.55 13.03
CA ASP B 15 1.99 4.42 12.76
C ASP B 15 2.53 3.42 13.79
N LEU B 16 3.40 2.52 13.33
CA LEU B 16 4.14 1.59 14.17
C LEU B 16 5.62 1.90 14.13
N GLU B 17 6.30 1.63 15.24
CA GLU B 17 7.78 1.39 15.21
C GLU B 17 8.00 -0.12 15.32
N MET B 18 9.03 -0.62 14.64
CA MET B 18 9.31 -2.07 14.54
C MET B 18 10.79 -2.34 14.77
N THR B 19 11.15 -3.62 14.94
CA THR B 19 12.58 -4.02 14.96
C THR B 19 13.26 -4.01 13.57
N GLY B 20 12.49 -3.94 12.48
CA GLY B 20 13.03 -3.72 11.13
C GLY B 20 11.99 -3.81 10.01
N LEU B 21 12.45 -4.04 8.77
CA LEU B 21 11.59 -3.94 7.57
C LEU B 21 10.86 -5.22 7.22
N GLU B 22 11.41 -6.38 7.59
CA GLU B 22 10.83 -7.69 7.22
C GLU B 22 10.05 -8.38 8.37
N PRO B 23 8.70 -8.41 8.28
CA PRO B 23 7.88 -8.92 9.39
C PRO B 23 7.96 -10.44 9.59
N VAL B 24 8.49 -11.14 8.59
CA VAL B 24 8.80 -12.58 8.70
C VAL B 24 9.50 -12.95 10.01
N GLU B 25 10.50 -12.15 10.39
CA GLU B 25 11.29 -12.30 11.61
C GLU B 25 11.15 -11.15 12.60
N ASP B 26 10.96 -9.93 12.09
CA ASP B 26 10.88 -8.73 12.92
C ASP B 26 9.53 -8.64 13.66
N VAL B 27 9.49 -7.77 14.68
CA VAL B 27 8.31 -7.61 15.55
C VAL B 27 7.99 -6.12 15.75
N ILE B 28 6.86 -5.86 16.42
CA ILE B 28 6.30 -4.51 16.68
C ILE B 28 6.75 -3.93 18.05
N LEU B 29 7.37 -2.76 18.05
CA LEU B 29 7.89 -2.09 19.28
C LEU B 29 7.00 -0.99 19.84
N GLU B 30 6.18 -0.31 19.02
CA GLU B 30 5.35 0.86 19.46
C GLU B 30 4.20 1.06 18.50
N ILE B 31 3.04 1.46 19.00
CA ILE B 31 1.88 1.70 18.15
C ILE B 31 1.06 2.92 18.62
N ALA B 32 0.60 3.77 17.67
CA ALA B 32 -0.22 4.97 17.97
C ALA B 32 -1.38 5.14 17.00
N ILE B 33 -2.42 5.88 17.38
CA ILE B 33 -3.65 5.90 16.64
C ILE B 33 -4.39 7.23 16.80
N ILE B 34 -4.77 7.85 15.69
CA ILE B 34 -5.42 9.16 15.70
C ILE B 34 -6.56 8.90 14.77
N ILE B 35 -7.72 9.41 15.16
CA ILE B 35 -8.89 9.43 14.36
C ILE B 35 -9.08 10.88 13.92
N THR B 36 -9.43 11.07 12.66
CA THR B 36 -9.79 12.39 12.15
C THR B 36 -11.16 12.25 11.58
N ASP B 37 -11.85 13.35 11.45
CA ASP B 37 -12.98 13.41 10.56
C ASP B 37 -12.43 13.38 9.11
N SER B 38 -13.33 13.33 8.14
CA SER B 38 -12.93 13.30 6.74
C SER B 38 -12.22 14.57 6.23
N GLU B 39 -12.31 15.70 6.97
CA GLU B 39 -11.62 16.98 6.66
C GLU B 39 -10.34 17.14 7.41
N LEU B 40 -9.93 16.08 8.10
CA LEU B 40 -8.61 15.92 8.69
C LEU B 40 -8.45 16.58 10.08
N ASN B 41 -9.54 17.13 10.60
CA ASN B 41 -9.57 17.55 12.03
C ASN B 41 -9.36 16.36 12.98
N ILE B 42 -8.32 16.43 13.80
CA ILE B 42 -8.05 15.36 14.76
C ILE B 42 -9.18 15.31 15.77
N LEU B 43 -9.93 14.20 15.79
CA LEU B 43 -11.01 13.96 16.73
C LEU B 43 -10.60 13.30 18.06
N ALA B 44 -9.54 12.50 18.03
CA ALA B 44 -9.08 11.69 19.19
C ALA B 44 -7.68 11.09 19.00
N GLN B 45 -6.79 11.26 19.98
CA GLN B 45 -5.51 10.54 20.14
C GLN B 45 -5.82 9.31 20.98
N GLY B 46 -5.66 8.13 20.40
CA GLY B 46 -5.96 6.87 21.07
C GLY B 46 -4.84 6.42 21.98
N PRO B 47 -5.02 5.30 22.72
CA PRO B 47 -4.01 4.71 23.66
C PRO B 47 -2.69 4.25 23.02
N ILE B 48 -1.62 5.00 23.27
CA ILE B 48 -0.25 4.69 22.82
C ILE B 48 0.30 3.45 23.60
N PHE B 49 1.23 2.73 23.00
CA PHE B 49 1.77 1.50 23.61
C PHE B 49 3.18 1.28 23.12
N ALA B 50 4.07 1.09 24.07
CA ALA B 50 5.30 0.37 23.80
C ALA B 50 4.92 -1.09 24.03
N ILE B 51 5.39 -1.97 23.15
CA ILE B 51 5.27 -3.39 23.32
C ILE B 51 6.59 -3.90 23.95
N SER B 52 6.44 -4.72 24.99
CA SER B 52 7.55 -5.29 25.74
C SER B 52 8.17 -6.43 24.99
N GLN B 53 9.45 -6.30 24.70
CA GLN B 53 10.26 -7.45 24.34
C GLN B 53 11.54 -7.49 25.15
N THR B 54 12.12 -8.69 25.13
CA THR B 54 13.33 -9.00 25.88
C THR B 54 14.53 -8.26 25.27
N ASP B 55 15.68 -8.43 25.89
CA ASP B 55 16.90 -7.76 25.45
C ASP B 55 17.62 -8.51 24.38
N ASP B 56 17.38 -9.81 24.25
CA ASP B 56 17.86 -10.52 23.06
C ASP B 56 17.13 -10.00 21.80
N VAL B 57 15.83 -9.74 21.91
CA VAL B 57 15.06 -9.05 20.85
C VAL B 57 15.66 -7.65 20.61
N LEU B 58 15.67 -6.82 21.66
CA LEU B 58 16.06 -5.41 21.56
C LEU B 58 17.54 -5.17 21.14
N ASP B 59 18.49 -5.92 21.71
CA ASP B 59 19.93 -5.77 21.38
C ASP B 59 20.38 -6.61 20.17
N ASN B 60 19.41 -7.08 19.36
CA ASN B 60 19.69 -7.74 18.06
C ASN B 60 18.69 -7.27 16.99
N MET B 61 18.75 -5.98 16.67
CA MET B 61 18.02 -5.38 15.56
C MET B 61 18.99 -5.21 14.36
N ASN B 62 18.57 -4.46 13.34
CA ASN B 62 19.53 -3.96 12.33
C ASN B 62 20.18 -2.67 12.93
N PRO B 63 21.35 -2.22 12.38
CA PRO B 63 22.01 -1.00 12.93
C PRO B 63 21.21 0.33 12.80
N TRP B 64 20.37 0.48 11.77
CA TRP B 64 19.43 1.61 11.68
C TRP B 64 18.56 1.66 12.96
N CYS B 65 18.05 0.51 13.37
CA CYS B 65 17.15 0.42 14.53
C CYS B 65 17.80 0.62 15.91
N ILE B 66 19.04 0.16 16.09
CA ILE B 66 19.75 0.35 17.36
C ILE B 66 20.07 1.85 17.57
N GLU B 67 20.59 2.49 16.52
CA GLU B 67 20.96 3.93 16.55
C GLU B 67 19.79 4.91 16.71
N HIS B 68 18.60 4.58 16.19
CA HIS B 68 17.46 5.53 16.17
C HIS B 68 16.36 5.25 17.20
N HIS B 69 16.13 3.99 17.55
CA HIS B 69 15.24 3.67 18.68
C HIS B 69 15.92 3.88 20.02
N GLY B 70 17.26 3.72 20.04
CA GLY B 70 18.08 4.18 21.17
C GLY B 70 17.97 5.70 21.33
N LYS B 71 18.44 6.44 20.32
CA LYS B 71 18.51 7.91 20.41
C LYS B 71 17.16 8.61 20.76
N SER B 72 16.03 7.99 20.41
CA SER B 72 14.66 8.47 20.77
C SER B 72 14.11 7.99 22.13
N GLY B 73 14.82 7.04 22.75
CA GLY B 73 14.45 6.52 24.07
C GLY B 73 13.31 5.53 24.01
N LEU B 74 13.25 4.77 22.91
CA LEU B 74 12.18 3.81 22.64
C LEU B 74 12.63 2.41 23.04
N THR B 75 13.81 2.01 22.58
CA THR B 75 14.47 0.77 23.03
C THR B 75 14.43 0.63 24.56
N GLN B 76 14.67 1.75 25.26
CA GLN B 76 14.58 1.78 26.72
C GLN B 76 13.12 1.67 27.21
N ARG B 77 12.20 2.34 26.53
CA ARG B 77 10.77 2.27 26.91
C ARG B 77 10.13 0.88 26.70
N CYS B 78 10.72 0.08 25.80
CA CYS B 78 10.28 -1.29 25.56
C CYS B 78 10.56 -2.23 26.74
N ARG B 79 11.76 -2.12 27.33
CA ARG B 79 12.10 -2.87 28.56
C ARG B 79 11.14 -2.49 29.70
N ASP B 80 11.03 -1.18 29.97
CA ASP B 80 10.09 -0.58 30.96
C ASP B 80 8.66 -1.14 30.91
N SER B 81 8.12 -1.27 29.69
CA SER B 81 6.78 -1.80 29.50
C SER B 81 6.68 -3.27 29.90
N GLU B 82 5.55 -3.63 30.50
CA GLU B 82 5.15 -5.02 30.64
C GLU B 82 3.78 -5.15 29.95
N VAL B 83 3.74 -4.65 28.70
CA VAL B 83 2.54 -4.62 27.83
C VAL B 83 2.70 -5.68 26.74
N SER B 84 1.64 -6.45 26.52
CA SER B 84 1.67 -7.52 25.56
C SER B 84 1.12 -7.02 24.23
N LEU B 85 1.20 -7.86 23.21
CA LEU B 85 0.56 -7.62 21.93
C LEU B 85 -0.93 -7.79 22.02
N ALA B 86 -1.37 -8.86 22.70
CA ALA B 86 -2.82 -9.06 22.85
C ALA B 86 -3.40 -7.98 23.74
N HIS B 87 -2.60 -7.36 24.61
CA HIS B 87 -3.04 -6.18 25.36
C HIS B 87 -3.29 -5.01 24.40
N ALA B 88 -2.23 -4.59 23.69
CA ALA B 88 -2.29 -3.51 22.67
C ALA B 88 -3.43 -3.74 21.69
N THR B 89 -3.55 -4.96 21.16
CA THR B 89 -4.58 -5.31 20.19
C THR B 89 -5.98 -5.05 20.72
N LYS B 90 -6.27 -5.49 21.94
CA LYS B 90 -7.64 -5.42 22.44
C LYS B 90 -8.05 -3.96 22.69
N GLU B 91 -7.12 -3.19 23.28
CA GLU B 91 -7.29 -1.75 23.59
C GLU B 91 -7.11 -0.78 22.38
N SER B 92 -6.53 -1.27 21.29
CA SER B 92 -6.47 -0.51 20.03
C SER B 92 -7.78 -0.64 19.30
N LEU B 93 -8.22 -1.88 19.10
CA LEU B 93 -9.48 -2.14 18.47
C LEU B 93 -10.63 -1.56 19.22
N ALA B 94 -10.45 -1.41 20.55
CA ALA B 94 -11.48 -0.84 21.41
C ALA B 94 -11.78 0.62 21.06
N PHE B 95 -10.74 1.44 21.15
CA PHE B 95 -10.74 2.86 20.76
C PHE B 95 -11.41 3.10 19.41
N VAL B 96 -10.97 2.28 18.47
CA VAL B 96 -11.40 2.35 17.09
C VAL B 96 -12.85 1.90 16.89
N GLN B 97 -13.40 1.06 17.74
CA GLN B 97 -14.84 0.69 17.53
C GLN B 97 -15.78 1.82 17.94
N GLU B 98 -15.34 2.58 18.92
CA GLU B 98 -16.09 3.73 19.38
C GLU B 98 -16.21 4.71 18.22
N TRP B 99 -15.03 5.13 17.74
CA TRP B 99 -14.89 6.28 16.85
C TRP B 99 -15.35 6.12 15.41
N VAL B 100 -15.33 4.91 14.86
CA VAL B 100 -15.79 4.69 13.47
C VAL B 100 -16.33 3.29 13.29
N PRO B 101 -17.28 3.07 12.36
CA PRO B 101 -17.90 1.76 12.11
C PRO B 101 -16.97 0.59 11.69
N GLN B 102 -17.30 -0.23 10.70
CA GLN B 102 -16.55 -1.45 10.47
C GLN B 102 -16.50 -1.61 9.00
N GLY B 103 -15.28 -1.66 8.47
CA GLY B 103 -15.10 -1.91 7.04
C GLY B 103 -15.29 -0.65 6.21
N LYS B 104 -15.27 0.48 6.91
CA LYS B 104 -15.56 1.82 6.37
C LYS B 104 -14.28 2.64 6.15
N SER B 105 -13.45 2.74 7.16
CA SER B 105 -12.21 3.48 7.02
C SER B 105 -11.08 2.62 6.48
N PRO B 106 -10.31 3.17 5.53
CA PRO B 106 -9.05 2.50 5.17
C PRO B 106 -8.03 2.75 6.23
N MET B 107 -6.90 2.05 6.13
CA MET B 107 -5.78 2.39 7.00
C MET B 107 -4.96 3.53 6.44
N CYS B 108 -4.69 4.54 7.26
CA CYS B 108 -4.13 5.84 6.81
C CYS B 108 -2.81 6.13 7.43
N GLY B 109 -1.85 6.61 6.62
CA GLY B 109 -0.46 7.02 7.01
C GLY B 109 0.54 7.08 5.82
N ASN B 110 1.82 7.36 6.05
CA ASN B 110 2.81 7.29 4.98
C ASN B 110 3.26 5.84 4.80
N SER B 111 3.26 5.34 3.56
CA SER B 111 3.64 3.95 3.24
C SER B 111 3.03 2.97 4.24
N ILE B 112 1.74 3.21 4.45
CA ILE B 112 0.94 2.50 5.43
C ILE B 112 0.81 1.02 5.14
N GLY B 113 0.96 0.63 3.87
CA GLY B 113 1.04 -0.75 3.48
C GLY B 113 2.12 -1.56 4.20
N GLN B 114 3.22 -0.90 4.55
CA GLN B 114 4.34 -1.60 5.20
C GLN B 114 3.85 -1.96 6.64
N ASP B 115 3.34 -0.95 7.35
CA ASP B 115 2.66 -1.15 8.63
C ASP B 115 1.55 -2.18 8.64
N ARG B 116 0.70 -2.12 7.61
CA ARG B 116 -0.34 -3.13 7.43
C ARG B 116 0.22 -4.56 7.38
N ARG B 117 1.42 -4.77 6.83
CA ARG B 117 2.00 -6.14 6.82
C ARG B 117 2.12 -6.71 8.25
N PHE B 118 2.57 -5.88 9.20
CA PHE B 118 2.73 -6.25 10.62
C PHE B 118 1.37 -6.43 11.32
N ILE B 119 0.44 -5.48 11.16
CA ILE B 119 -0.92 -5.61 11.72
C ILE B 119 -1.61 -6.84 11.19
N ASN B 120 -1.40 -7.15 9.91
CA ASN B 120 -2.04 -8.35 9.36
C ASN B 120 -1.55 -9.63 10.05
N LYS B 121 -0.25 -9.79 10.13
CA LYS B 121 0.33 -10.96 10.75
C LYS B 121 0.05 -11.04 12.27
N TYR B 122 0.40 -9.98 12.96
CA TYR B 122 0.45 -9.96 14.42
C TYR B 122 -0.79 -9.42 15.10
N MET B 123 -1.64 -8.63 14.44
CA MET B 123 -2.84 -8.05 15.10
C MET B 123 -4.10 -8.22 14.24
N PRO B 124 -4.36 -9.44 13.75
CA PRO B 124 -5.48 -9.63 12.81
C PRO B 124 -6.84 -9.08 13.22
N ASP B 125 -7.21 -9.20 14.49
CA ASP B 125 -8.50 -8.67 14.94
C ASP B 125 -8.55 -7.18 14.73
N PHE B 126 -7.43 -6.49 14.97
CA PHE B 126 -7.37 -5.06 14.75
C PHE B 126 -7.54 -4.77 13.26
N GLU B 127 -6.79 -5.48 12.40
CA GLU B 127 -6.93 -5.37 10.93
C GLU B 127 -8.35 -5.47 10.41
N ASP B 128 -9.16 -6.34 11.01
CA ASP B 128 -10.48 -6.65 10.41
C ASP B 128 -11.49 -5.54 10.58
N HIS B 129 -11.24 -4.62 11.48
CA HIS B 129 -12.06 -3.46 11.54
C HIS B 129 -11.93 -2.58 10.28
N PHE B 130 -10.75 -2.58 9.66
CA PHE B 130 -10.51 -1.70 8.50
C PHE B 130 -11.14 -2.17 7.20
N HIS B 131 -11.55 -1.22 6.36
CA HIS B 131 -11.75 -1.48 4.92
C HIS B 131 -10.44 -2.06 4.37
N TYR B 132 -10.47 -2.79 3.26
CA TYR B 132 -9.29 -3.46 2.74
C TYR B 132 -8.28 -2.42 2.13
N ARG B 133 -8.75 -1.23 1.77
CA ARG B 133 -7.94 -0.17 1.16
C ARG B 133 -7.03 0.52 2.13
N ASN B 134 -5.94 1.06 1.58
CA ASN B 134 -5.07 2.01 2.25
C ASN B 134 -5.29 3.43 1.76
N LEU B 135 -5.08 4.38 2.63
CA LEU B 135 -4.99 5.77 2.27
C LEU B 135 -3.53 6.14 2.58
N ASP B 136 -2.66 6.00 1.57
CA ASP B 136 -1.25 6.17 1.72
C ASP B 136 -0.87 7.57 1.26
N VAL B 137 -0.47 8.41 2.21
CA VAL B 137 -0.09 9.81 1.94
C VAL B 137 1.15 9.92 1.03
N SER B 138 1.98 8.89 1.04
CA SER B 138 3.17 8.78 0.14
C SER B 138 2.83 8.50 -1.31
N THR B 139 1.65 7.97 -1.57
CA THR B 139 1.14 7.98 -2.92
C THR B 139 1.05 9.47 -3.38
N ILE B 140 0.50 10.32 -2.55
CA ILE B 140 0.29 11.73 -2.94
C ILE B 140 1.66 12.43 -3.11
N LYS B 141 2.61 12.06 -2.25
CA LYS B 141 3.94 12.65 -2.27
C LYS B 141 4.66 12.32 -3.57
N GLU B 142 4.53 11.06 -4.03
CA GLU B 142 5.02 10.61 -5.30
C GLU B 142 4.35 11.31 -6.48
N LEU B 143 3.07 11.58 -6.41
CA LEU B 143 2.49 12.38 -7.47
C LEU B 143 2.96 13.81 -7.41
N ALA B 144 3.09 14.39 -6.25
CA ALA B 144 3.51 15.80 -6.15
C ALA B 144 4.95 15.99 -6.64
N LYS B 145 5.80 15.02 -6.34
CA LYS B 145 7.17 15.04 -6.84
C LYS B 145 7.22 15.17 -8.34
N ARG B 146 6.27 14.55 -9.04
CA ARG B 146 6.32 14.54 -10.50
C ARG B 146 5.48 15.62 -11.12
N TRP B 147 4.36 15.98 -10.46
CA TRP B 147 3.40 16.85 -11.04
C TRP B 147 3.45 18.28 -10.50
N LYS B 148 3.79 18.47 -9.25
CA LYS B 148 3.83 19.81 -8.69
C LYS B 148 4.80 19.89 -7.54
N PRO B 149 6.08 19.76 -7.84
CA PRO B 149 7.05 19.54 -6.81
C PRO B 149 7.21 20.65 -5.80
N GLU B 150 6.96 21.88 -6.20
CA GLU B 150 7.12 22.97 -5.26
C GLU B 150 6.15 22.98 -4.06
N VAL B 151 5.02 22.27 -4.21
CA VAL B 151 4.19 21.91 -3.07
C VAL B 151 5.01 21.31 -1.93
N LEU B 152 6.05 20.57 -2.22
CA LEU B 152 6.80 19.92 -1.15
C LEU B 152 7.59 20.90 -0.25
N GLU B 153 7.80 22.16 -0.70
CA GLU B 153 8.35 23.17 0.18
C GLU B 153 7.50 23.43 1.36
N SER B 154 6.18 23.35 1.20
CA SER B 154 5.23 23.55 2.32
C SER B 154 5.04 22.35 3.18
N VAL B 155 5.53 21.20 2.78
CA VAL B 155 5.48 20.05 3.66
C VAL B 155 6.58 20.18 4.76
N VAL B 156 6.23 19.84 6.01
CA VAL B 156 7.12 19.85 7.19
C VAL B 156 7.64 18.45 7.56
N LYS B 157 8.97 18.35 7.77
CA LYS B 157 9.70 17.06 7.96
C LYS B 157 10.23 16.78 9.36
N THR B 158 9.97 17.67 10.31
CA THR B 158 10.52 17.60 11.69
C THR B 158 10.84 16.21 12.26
N GLY B 159 11.99 15.65 11.87
CA GLY B 159 12.55 14.45 12.49
C GLY B 159 11.74 13.18 12.29
N ALA B 160 11.78 12.32 13.32
CA ALA B 160 11.08 11.01 13.33
C ALA B 160 10.18 10.86 14.59
N HIS B 161 10.79 10.89 15.78
CA HIS B 161 10.05 10.95 17.06
C HIS B 161 9.30 9.61 17.39
N LEU B 162 8.33 9.73 18.30
CA LEU B 162 7.42 8.68 18.64
C LEU B 162 6.47 8.49 17.48
N ALA B 163 5.82 7.34 17.51
CA ALA B 163 4.73 7.01 16.64
C ALA B 163 3.68 8.12 16.52
N LEU B 164 3.47 8.84 17.62
CA LEU B 164 2.35 9.74 17.74
C LEU B 164 2.52 10.96 16.87
N ASP B 165 3.73 11.48 16.87
CA ASP B 165 4.07 12.71 16.20
C ASP B 165 4.40 12.46 14.74
N ALA B 166 4.71 11.22 14.43
CA ALA B 166 4.83 10.77 13.04
C ALA B 166 3.46 10.80 12.35
N ILE B 167 2.44 10.22 12.99
CA ILE B 167 1.06 10.28 12.48
C ILE B 167 0.63 11.72 12.25
N LYS B 168 1.01 12.61 13.17
CA LYS B 168 0.61 13.99 13.07
C LYS B 168 1.31 14.66 11.95
N GLU B 169 2.53 14.23 11.67
CA GLU B 169 3.20 14.72 10.49
C GLU B 169 2.51 14.25 9.21
N SER B 170 1.96 13.03 9.20
CA SER B 170 1.28 12.48 8.04
C SER B 170 0.00 13.19 7.71
N ILE B 171 -0.81 13.43 8.74
CA ILE B 171 -2.02 14.21 8.65
C ILE B 171 -1.73 15.62 8.16
N ALA B 172 -0.68 16.22 8.73
CA ALA B 172 -0.34 17.61 8.40
C ALA B 172 0.15 17.67 6.96
N GLU B 173 0.91 16.64 6.54
CA GLU B 173 1.35 16.55 5.17
C GLU B 173 0.11 16.51 4.24
N LEU B 174 -0.84 15.64 4.55
CA LEU B 174 -2.05 15.57 3.75
C LEU B 174 -2.87 16.88 3.72
N LYS B 175 -2.89 17.60 4.83
CA LYS B 175 -3.54 18.95 4.87
C LYS B 175 -2.95 19.95 3.91
N VAL B 176 -1.63 19.97 3.84
CA VAL B 176 -0.93 20.75 2.84
C VAL B 176 -1.36 20.40 1.41
N TYR B 177 -1.34 19.11 1.07
CA TYR B 177 -1.88 18.70 -0.20
C TYR B 177 -3.30 19.13 -0.43
N ARG B 178 -4.15 19.00 0.58
CA ARG B 178 -5.56 19.31 0.48
C ARG B 178 -5.68 20.77 0.07
N GLU B 179 -4.85 21.62 0.64
CA GLU B 179 -4.88 23.03 0.35
C GLU B 179 -4.21 23.36 -0.99
N LEU B 180 -3.01 22.91 -1.26
CA LEU B 180 -2.20 23.36 -2.43
C LEU B 180 -2.17 22.48 -3.67
N PHE B 181 -2.59 21.22 -3.53
CA PHE B 181 -2.48 20.26 -4.64
C PHE B 181 -3.79 19.71 -5.14
N PHE B 182 -4.79 19.55 -4.27
CA PHE B 182 -6.13 19.14 -4.69
C PHE B 182 -6.92 20.36 -5.06
N LYS B 183 -7.86 20.13 -5.93
CA LYS B 183 -8.81 21.10 -6.39
C LYS B 183 -10.14 20.69 -5.82
N LEU B 184 -10.54 21.23 -4.68
CA LEU B 184 -11.76 20.75 -4.06
C LEU B 184 -12.94 21.54 -4.60
#